data_7D30
#
_entry.id   7D30
#
_cell.length_a   73.384
_cell.length_b   73.384
_cell.length_c   478.363
_cell.angle_alpha   90.000
_cell.angle_beta   90.000
_cell.angle_gamma   120.000
#
_symmetry.space_group_name_H-M   'P 65 2 2'
#
loop_
_entity.id
_entity.type
_entity.pdbx_description
1 polymer 'sybody fusion of MR17-SR31 with a GS linker'
2 polymer 'Spike protein S1'
3 branched alpha-D-mannopyranose-(1-3)-beta-D-mannopyranose-(1-4)-2-acetamido-2-deoxy-beta-D-glucopyranose-(1-4)-[alpha-L-fucopyranose-(1-3)][alpha-L-fucopyranose-(1-6)]2-acetamido-2-deoxy-beta-D-glucopyranose
4 non-polymer GLYCEROL
5 non-polymer 'ACETATE ION'
6 non-polymer 'PENTAETHYLENE GLYCOL'
7 non-polymer 1,3-BUTANEDIOL
8 non-polymer 'CADMIUM ION'
9 water water
#
loop_
_entity_poly.entity_id
_entity_poly.type
_entity_poly.pdbx_seq_one_letter_code
_entity_poly.pdbx_strand_id
1 'polypeptide(L)'
;GSSSQVQLVESGGGLVQAGGSLRLSCAASGFPVEVWRMEWYRQAPGKEREGVAAIESYGHGTRYADSVKGRFTISRDNAK
NTVYLQMNSLKPEDTAVYYCNVKDDGQLAYHYDYWGQGTQVTVSGGGGSGGGGSGGGGSGGGGSGGGGSGGGGSGSSSQV
QLVESGGGLVQAGGSLRLSCAASGFPVWQGEMAWYRQAPGKEREWVAAISSMGYKTYYADSVKGRFTISRDNAKNTVYLQ
MNSLKPEDTAVYYCAVMVGFWYAGQGTQVTVSAGRAGEQKLISEEDLNSAVDHHHHHH
;
A
2 'polypeptide(L)'
;AGSPNITNLCPFGEVFNATRFASVYAWNRKRISNCVADYSVLYNSASFSTFKCYGVSPTKLNDLCFTNVYADSFVIRGDE
VRQIAPGQTGKIADYNYKLPDDFTGCVIAWNSNNLDSKVGGNYNYLYRLFRKSNLKPFERDISTEIYQAGSTPCNGVEGF
NCYFPLQSYGFQPTNGVGYQPYRVVVLSFELLHAPATVCGPKKSTGTLEVLFQ
;
B
#
loop_
_chem_comp.id
_chem_comp.type
_chem_comp.name
_chem_comp.formula
1PE non-polymer 'PENTAETHYLENE GLYCOL' 'C10 H22 O6'
ACT non-polymer 'ACETATE ION' 'C2 H3 O2 -1'
BMA D-saccharide, beta linking beta-D-mannopyranose 'C6 H12 O6'
BU2 non-polymer 1,3-BUTANEDIOL 'C4 H10 O2'
CD non-polymer 'CADMIUM ION' 'Cd 2'
FUC L-saccharide, alpha linking alpha-L-fucopyranose 'C6 H12 O5'
GOL non-polymer GLYCEROL 'C3 H8 O3'
MAN D-saccharide, alpha linking alpha-D-mannopyranose 'C6 H12 O6'
NAG D-saccharide, beta linking 2-acetamido-2-deoxy-beta-D-glucopyranose 'C8 H15 N O6'
#
# COMPACT_ATOMS: atom_id res chain seq x y z
N GLN A 5 20.59 -5.24 -17.10
CA GLN A 5 20.14 -4.10 -16.32
C GLN A 5 20.86 -4.09 -14.95
N VAL A 6 20.71 -5.16 -14.19
CA VAL A 6 21.24 -5.26 -12.83
C VAL A 6 22.45 -6.17 -12.89
N GLN A 7 23.58 -5.68 -12.39
CA GLN A 7 24.82 -6.43 -12.53
C GLN A 7 25.72 -6.17 -11.34
N LEU A 8 26.38 -7.24 -10.89
CA LEU A 8 27.47 -7.19 -9.92
C LEU A 8 28.71 -7.74 -10.60
N VAL A 9 29.80 -6.97 -10.60
CA VAL A 9 31.04 -7.35 -11.26
C VAL A 9 32.16 -7.36 -10.23
N GLU A 10 32.70 -8.54 -9.94
CA GLU A 10 33.80 -8.69 -8.99
C GLU A 10 35.14 -8.51 -9.70
N SER A 11 36.10 -7.88 -9.00
CA SER A 11 37.47 -7.81 -9.44
C SER A 11 38.38 -7.58 -8.23
N GLY A 12 39.70 -7.59 -8.49
CA GLY A 12 40.73 -7.36 -7.47
C GLY A 12 41.55 -8.59 -7.14
N GLY A 13 41.13 -9.76 -7.63
CA GLY A 13 41.79 -10.99 -7.28
C GLY A 13 43.21 -11.08 -7.83
N GLY A 14 43.92 -12.12 -7.40
CA GLY A 14 45.27 -12.31 -7.85
C GLY A 14 45.95 -13.40 -7.05
N LEU A 15 47.26 -13.54 -7.28
CA LEU A 15 48.09 -14.53 -6.61
C LEU A 15 49.17 -13.76 -5.85
N VAL A 16 49.18 -13.93 -4.54
CA VAL A 16 50.00 -13.10 -3.66
C VAL A 16 50.63 -14.01 -2.62
N GLN A 17 51.77 -13.58 -2.09
CA GLN A 17 52.44 -14.35 -1.07
C GLN A 17 51.77 -14.13 0.27
N ALA A 18 51.72 -15.19 1.08
CA ALA A 18 51.22 -15.10 2.45
C ALA A 18 51.74 -13.85 3.13
N GLY A 19 50.84 -13.13 3.81
CA GLY A 19 51.17 -11.91 4.49
C GLY A 19 50.94 -10.65 3.68
N GLY A 20 50.80 -10.76 2.36
CA GLY A 20 50.50 -9.61 1.53
C GLY A 20 49.05 -9.20 1.62
N SER A 21 48.67 -8.25 0.75
CA SER A 21 47.34 -7.67 0.72
C SER A 21 46.73 -7.68 -0.67
N LEU A 22 45.39 -7.63 -0.70
CA LEU A 22 44.65 -7.38 -1.93
C LEU A 22 43.47 -6.48 -1.61
N ARG A 23 42.83 -5.94 -2.65
CA ARG A 23 41.57 -5.22 -2.49
CA ARG A 23 41.57 -5.22 -2.49
C ARG A 23 40.62 -5.67 -3.58
N LEU A 24 39.52 -6.29 -3.17
CA LEU A 24 38.49 -6.72 -4.10
C LEU A 24 37.47 -5.61 -4.28
N SER A 25 36.96 -5.50 -5.51
CA SER A 25 35.96 -4.53 -5.89
C SER A 25 34.70 -5.27 -6.32
N CYS A 26 33.55 -4.76 -5.91
CA CYS A 26 32.27 -5.25 -6.39
C CYS A 26 31.52 -4.07 -6.99
N ALA A 27 31.56 -3.96 -8.31
CA ALA A 27 30.98 -2.83 -9.02
C ALA A 27 29.54 -3.19 -9.38
N ALA A 28 28.60 -2.38 -8.91
CA ALA A 28 27.18 -2.68 -9.05
C ALA A 28 26.53 -1.72 -10.05
N SER A 29 25.64 -2.25 -10.89
CA SER A 29 24.88 -1.41 -11.81
CA SER A 29 24.87 -1.42 -11.82
C SER A 29 23.41 -1.77 -11.72
N GLY A 30 22.54 -0.77 -11.83
CA GLY A 30 21.12 -0.97 -11.83
C GLY A 30 20.40 -0.74 -10.52
N PHE A 31 21.12 -0.38 -9.46
CA PHE A 31 20.53 -0.10 -8.16
C PHE A 31 21.58 0.61 -7.32
N PRO A 32 21.16 1.35 -6.28
CA PRO A 32 22.14 2.02 -5.41
C PRO A 32 22.71 1.04 -4.39
N VAL A 33 24.04 1.01 -4.27
CA VAL A 33 24.67 0.03 -3.37
C VAL A 33 24.28 0.26 -1.93
N GLU A 34 23.82 1.47 -1.59
CA GLU A 34 23.63 1.78 -0.17
C GLU A 34 22.24 1.45 0.35
N VAL A 35 21.30 1.03 -0.49
CA VAL A 35 19.94 0.85 0.00
C VAL A 35 19.71 -0.53 0.63
N TRP A 36 20.50 -1.53 0.24
CA TRP A 36 20.40 -2.87 0.81
C TRP A 36 21.75 -3.31 1.35
N ARG A 37 21.72 -4.27 2.28
CA ARG A 37 22.95 -4.92 2.74
C ARG A 37 23.65 -5.58 1.58
N MET A 38 24.96 -5.33 1.47
CA MET A 38 25.83 -5.91 0.47
C MET A 38 26.84 -6.85 1.15
N GLU A 39 27.24 -7.92 0.46
CA GLU A 39 27.95 -9.01 1.14
C GLU A 39 29.07 -9.57 0.27
N TRP A 40 30.15 -9.99 0.92
CA TRP A 40 31.20 -10.78 0.29
C TRP A 40 31.18 -12.20 0.83
N TYR A 41 31.16 -13.16 -0.09
CA TYR A 41 31.32 -14.57 0.22
C TYR A 41 32.62 -15.07 -0.40
N ARG A 42 33.02 -16.26 0.04
CA ARG A 42 34.11 -16.98 -0.61
C ARG A 42 33.81 -18.47 -0.58
N GLN A 43 34.28 -19.19 -1.59
CA GLN A 43 34.28 -20.65 -1.54
C GLN A 43 35.71 -21.14 -1.72
N ALA A 44 36.25 -21.75 -0.67
CA ALA A 44 37.60 -22.30 -0.72
C ALA A 44 37.57 -23.70 -1.33
N PRO A 45 38.68 -24.14 -1.94
CA PRO A 45 38.78 -25.53 -2.39
C PRO A 45 38.37 -26.50 -1.30
N GLY A 46 37.61 -27.52 -1.68
CA GLY A 46 37.19 -28.51 -0.71
C GLY A 46 36.25 -28.02 0.36
N LYS A 47 35.65 -26.83 0.21
CA LYS A 47 34.69 -26.37 1.20
C LYS A 47 33.47 -25.76 0.52
N GLU A 48 32.45 -25.51 1.31
CA GLU A 48 31.27 -24.82 0.84
C GLU A 48 31.42 -23.31 1.04
N ARG A 49 30.56 -22.56 0.35
CA ARG A 49 30.58 -21.10 0.42
C ARG A 49 30.45 -20.60 1.86
N GLU A 50 31.14 -19.51 2.14
CA GLU A 50 31.21 -18.95 3.48
C GLU A 50 31.00 -17.46 3.38
N GLY A 51 30.17 -16.92 4.27
CA GLY A 51 30.04 -15.47 4.38
C GLY A 51 31.29 -14.88 5.01
N VAL A 52 31.87 -13.87 4.35
CA VAL A 52 33.12 -13.25 4.78
C VAL A 52 32.87 -11.95 5.50
N ALA A 53 32.13 -11.04 4.87
CA ALA A 53 31.86 -9.74 5.44
C ALA A 53 30.61 -9.18 4.79
N ALA A 54 29.96 -8.27 5.51
CA ALA A 54 28.75 -7.65 5.00
C ALA A 54 28.74 -6.19 5.44
N ILE A 55 28.15 -5.34 4.60
CA ILE A 55 27.94 -3.95 4.99
C ILE A 55 26.46 -3.65 4.85
N GLU A 56 25.81 -3.33 5.97
CA GLU A 56 24.38 -3.02 5.99
C GLU A 56 24.09 -1.74 5.21
N SER A 57 22.82 -1.58 4.85
CA SER A 57 22.36 -0.37 4.18
C SER A 57 22.74 0.87 4.99
N TYR A 58 22.98 1.98 4.29
CA TYR A 58 23.19 3.31 4.89
C TYR A 58 24.29 3.19 5.95
N GLY A 59 24.08 3.68 7.17
CA GLY A 59 25.10 3.59 8.20
C GLY A 59 24.79 2.58 9.28
N HIS A 60 24.06 1.52 8.93
CA HIS A 60 23.61 0.55 9.92
C HIS A 60 24.69 -0.48 10.31
N GLY A 61 25.85 -0.48 9.67
CA GLY A 61 27.00 -1.18 10.23
C GLY A 61 27.60 -2.21 9.28
N THR A 62 28.68 -2.82 9.76
CA THR A 62 29.38 -3.87 9.04
C THR A 62 29.46 -5.12 9.91
N ARG A 63 29.74 -6.25 9.26
CA ARG A 63 29.85 -7.55 9.93
C ARG A 63 31.02 -8.33 9.32
N TYR A 64 31.64 -9.18 10.12
CA TYR A 64 32.81 -9.94 9.69
C TYR A 64 32.77 -11.34 10.28
N ALA A 65 33.12 -12.32 9.45
CA ALA A 65 33.36 -13.66 9.97
C ALA A 65 34.57 -13.61 10.90
N ASP A 66 34.52 -14.41 11.97
CA ASP A 66 35.61 -14.40 12.95
C ASP A 66 36.95 -14.70 12.32
N SER A 67 36.98 -15.55 11.29
CA SER A 67 38.24 -15.91 10.65
C SER A 67 38.92 -14.73 9.97
N VAL A 68 38.21 -13.66 9.64
CA VAL A 68 38.85 -12.53 8.99
C VAL A 68 38.88 -11.30 9.86
N LYS A 69 38.38 -11.39 11.09
CA LYS A 69 38.35 -10.24 11.97
CA LYS A 69 38.35 -10.24 11.99
C LYS A 69 39.75 -9.71 12.23
N GLY A 70 39.92 -8.39 12.10
CA GLY A 70 41.20 -7.78 12.29
C GLY A 70 42.09 -7.78 11.07
N ARG A 71 41.67 -8.44 10.00
CA ARG A 71 42.46 -8.53 8.77
C ARG A 71 41.75 -7.95 7.55
N PHE A 72 40.43 -8.13 7.46
CA PHE A 72 39.67 -7.68 6.30
C PHE A 72 38.83 -6.47 6.69
N THR A 73 38.63 -5.57 5.73
CA THR A 73 37.72 -4.46 5.94
C THR A 73 36.82 -4.31 4.73
N ILE A 74 35.51 -4.27 4.96
CA ILE A 74 34.53 -4.04 3.90
C ILE A 74 34.13 -2.57 3.95
N SER A 75 34.01 -1.95 2.79
CA SER A 75 33.61 -0.55 2.71
C SER A 75 32.80 -0.35 1.45
N ARG A 76 32.23 0.85 1.33
CA ARG A 76 31.31 1.17 0.25
C ARG A 76 31.52 2.61 -0.20
N ASP A 77 31.73 2.81 -1.49
CA ASP A 77 31.74 4.15 -2.09
C ASP A 77 30.44 4.33 -2.85
N ASN A 78 29.53 5.14 -2.29
CA ASN A 78 28.24 5.36 -2.95
C ASN A 78 28.42 5.98 -4.33
N ALA A 79 29.29 6.99 -4.43
CA ALA A 79 29.47 7.69 -5.71
C ALA A 79 29.94 6.75 -6.82
N LYS A 80 30.82 5.80 -6.51
CA LYS A 80 31.23 4.83 -7.52
C LYS A 80 30.33 3.60 -7.56
N ASN A 81 29.36 3.50 -6.66
CA ASN A 81 28.45 2.35 -6.58
C ASN A 81 29.23 1.05 -6.50
N THR A 82 30.16 1.00 -5.54
CA THR A 82 31.09 -0.12 -5.43
C THR A 82 31.28 -0.47 -3.96
N VAL A 83 31.31 -1.76 -3.68
CA VAL A 83 31.62 -2.30 -2.36
C VAL A 83 33.04 -2.89 -2.42
N TYR A 84 33.86 -2.59 -1.43
CA TYR A 84 35.25 -3.02 -1.43
C TYR A 84 35.53 -4.03 -0.32
N LEU A 85 36.46 -4.94 -0.57
CA LEU A 85 36.98 -5.84 0.45
C LEU A 85 38.50 -5.67 0.50
N GLN A 86 38.99 -4.96 1.50
CA GLN A 86 40.42 -4.79 1.70
C GLN A 86 40.92 -5.97 2.54
N MET A 87 41.83 -6.76 1.99
CA MET A 87 42.32 -7.97 2.64
C MET A 87 43.80 -7.78 2.99
N ASN A 88 44.10 -7.68 4.28
CA ASN A 88 45.49 -7.62 4.74
C ASN A 88 45.85 -8.91 5.43
N SER A 89 47.17 -9.10 5.61
CA SER A 89 47.71 -10.27 6.29
C SER A 89 47.09 -11.55 5.76
N LEU A 90 47.13 -11.71 4.44
CA LEU A 90 46.56 -12.89 3.80
C LEU A 90 47.30 -14.16 4.22
N LYS A 91 46.53 -15.21 4.47
CA LYS A 91 47.00 -16.53 4.83
C LYS A 91 46.54 -17.54 3.78
N PRO A 92 47.21 -18.70 3.68
CA PRO A 92 46.80 -19.68 2.66
C PRO A 92 45.35 -20.10 2.78
N GLU A 93 44.81 -20.10 3.99
CA GLU A 93 43.42 -20.45 4.20
C GLU A 93 42.46 -19.42 3.61
N ASP A 94 42.94 -18.23 3.20
CA ASP A 94 42.09 -17.27 2.50
C ASP A 94 42.01 -17.58 1.01
N THR A 95 42.74 -18.58 0.52
CA THR A 95 42.65 -18.96 -0.88
C THR A 95 41.22 -19.40 -1.22
N ALA A 96 40.61 -18.79 -2.24
CA ALA A 96 39.22 -19.06 -2.56
C ALA A 96 38.78 -18.22 -3.75
N VAL A 97 37.62 -18.58 -4.30
CA VAL A 97 36.89 -17.68 -5.20
C VAL A 97 35.99 -16.82 -4.35
N TYR A 98 36.10 -15.51 -4.53
CA TYR A 98 35.30 -14.54 -3.77
C TYR A 98 34.19 -13.99 -4.67
N TYR A 99 32.98 -13.86 -4.09
CA TYR A 99 31.76 -13.45 -4.78
C TYR A 99 31.06 -12.32 -4.04
N CYS A 100 30.45 -11.40 -4.80
CA CYS A 100 29.64 -10.30 -4.31
C CYS A 100 28.16 -10.70 -4.29
N ASN A 101 27.36 -10.09 -3.39
CA ASN A 101 25.94 -10.39 -3.30
C ASN A 101 25.17 -9.19 -2.76
N VAL A 102 23.98 -8.94 -3.30
CA VAL A 102 23.07 -7.93 -2.77
C VAL A 102 21.89 -8.63 -2.12
N LYS A 103 21.58 -8.25 -0.89
CA LYS A 103 20.43 -8.79 -0.16
C LYS A 103 19.18 -7.95 -0.46
N ASP A 104 18.69 -8.06 -1.70
CA ASP A 104 17.50 -7.29 -2.11
C ASP A 104 16.20 -7.90 -1.62
N ASP A 105 16.21 -9.14 -1.11
CA ASP A 105 15.00 -9.83 -0.68
C ASP A 105 13.90 -9.78 -1.75
N GLY A 106 14.28 -9.99 -3.02
CA GLY A 106 13.30 -10.01 -4.09
C GLY A 106 12.80 -8.65 -4.55
N GLN A 107 13.37 -7.56 -4.04
CA GLN A 107 12.98 -6.22 -4.47
C GLN A 107 13.62 -5.82 -5.79
N LEU A 108 14.67 -6.52 -6.23
CA LEU A 108 15.10 -6.44 -7.63
C LEU A 108 14.33 -7.52 -8.39
N ALA A 109 13.08 -7.17 -8.73
CA ALA A 109 12.08 -8.19 -9.02
C ALA A 109 12.47 -9.08 -10.18
N TYR A 110 13.16 -8.53 -11.18
CA TYR A 110 13.51 -9.29 -12.37
C TYR A 110 14.99 -9.67 -12.40
N HIS A 111 15.67 -9.59 -11.26
CA HIS A 111 17.08 -9.99 -11.17
C HIS A 111 17.20 -11.26 -10.35
N TYR A 112 17.47 -12.35 -11.07
CA TYR A 112 17.76 -13.67 -10.50
C TYR A 112 19.21 -13.70 -10.02
N ASP A 113 19.38 -14.06 -8.75
CA ASP A 113 20.68 -14.03 -8.10
C ASP A 113 21.51 -15.26 -8.48
N GLN A 117 30.12 -14.68 -11.09
CA GLN A 117 31.35 -15.01 -11.81
C GLN A 117 32.55 -15.16 -10.85
N GLY A 118 32.70 -14.20 -9.93
CA GLY A 118 33.67 -14.31 -8.87
C GLY A 118 35.07 -13.86 -9.28
N THR A 119 35.93 -13.71 -8.29
CA THR A 119 37.32 -13.33 -8.54
C THR A 119 38.23 -14.21 -7.69
N GLN A 120 39.26 -14.75 -8.32
CA GLN A 120 40.08 -15.78 -7.69
C GLN A 120 41.17 -15.16 -6.83
N VAL A 121 41.26 -15.61 -5.59
CA VAL A 121 42.32 -15.21 -4.66
C VAL A 121 43.13 -16.46 -4.32
N THR A 122 44.45 -16.42 -4.60
CA THR A 122 45.36 -17.51 -4.25
C THR A 122 46.50 -16.95 -3.41
N VAL A 123 46.63 -17.45 -2.18
CA VAL A 123 47.64 -17.01 -1.25
C VAL A 123 48.68 -18.12 -1.15
N SER A 124 49.91 -17.83 -1.59
CA SER A 124 50.99 -18.83 -1.60
C SER A 124 51.27 -19.40 -0.22
N SER A 157 -17.61 -10.75 5.43
CA SER A 157 -16.69 -10.41 4.33
C SER A 157 -17.42 -10.21 3.00
N SER A 158 -17.40 -8.98 2.48
CA SER A 158 -18.02 -8.72 1.20
C SER A 158 -17.30 -7.54 0.55
N GLN A 159 -17.15 -7.61 -0.78
CA GLN A 159 -16.67 -6.46 -1.52
C GLN A 159 -17.73 -5.35 -1.52
N VAL A 160 -17.27 -4.12 -1.37
CA VAL A 160 -18.13 -2.96 -1.39
C VAL A 160 -18.10 -2.39 -2.80
N GLN A 161 -19.24 -2.37 -3.49
CA GLN A 161 -19.26 -1.89 -4.87
C GLN A 161 -20.66 -1.44 -5.26
N LEU A 162 -20.71 -0.49 -6.18
CA LEU A 162 -21.94 -0.02 -6.79
C LEU A 162 -21.75 -0.11 -8.29
N VAL A 163 -22.75 -0.65 -8.99
CA VAL A 163 -22.70 -0.84 -10.44
C VAL A 163 -23.95 -0.22 -11.04
N GLU A 164 -23.77 0.84 -11.83
CA GLU A 164 -24.86 1.52 -12.50
C GLU A 164 -25.15 0.86 -13.84
N SER A 165 -26.43 0.87 -14.22
CA SER A 165 -26.83 0.44 -15.55
C SER A 165 -28.09 1.21 -15.92
N GLY A 166 -28.49 1.05 -17.19
CA GLY A 166 -29.72 1.63 -17.70
C GLY A 166 -29.52 2.84 -18.58
N GLY A 167 -28.29 3.29 -18.78
CA GLY A 167 -28.07 4.45 -19.63
C GLY A 167 -28.27 4.13 -21.10
N GLY A 168 -28.20 5.18 -21.91
CA GLY A 168 -28.32 4.99 -23.33
C GLY A 168 -28.44 6.32 -24.05
N LEU A 169 -28.72 6.21 -25.34
CA LEU A 169 -28.99 7.37 -26.19
C LEU A 169 -30.48 7.40 -26.44
N VAL A 170 -31.13 8.53 -26.10
CA VAL A 170 -32.57 8.66 -26.27
C VAL A 170 -32.91 10.02 -26.84
N GLN A 171 -34.11 10.09 -27.40
CA GLN A 171 -34.68 11.29 -27.96
C GLN A 171 -35.14 12.22 -26.85
N ALA A 172 -34.88 13.52 -27.02
CA ALA A 172 -35.49 14.52 -26.16
C ALA A 172 -36.97 14.23 -25.94
N GLY A 173 -37.41 14.42 -24.69
CA GLY A 173 -38.74 14.04 -24.28
C GLY A 173 -38.87 12.60 -23.82
N GLY A 174 -37.93 11.74 -24.18
CA GLY A 174 -37.99 10.34 -23.80
C GLY A 174 -37.75 10.10 -22.32
N SER A 175 -37.78 8.84 -21.94
CA SER A 175 -37.52 8.40 -20.57
C SER A 175 -36.37 7.39 -20.54
N LEU A 176 -35.76 7.26 -19.35
CA LEU A 176 -34.85 6.18 -19.03
C LEU A 176 -35.06 5.79 -17.57
N ARG A 177 -34.51 4.63 -17.19
CA ARG A 177 -34.51 4.20 -15.79
CA ARG A 177 -34.51 4.20 -15.79
C ARG A 177 -33.11 3.66 -15.49
N LEU A 178 -32.37 4.35 -14.64
CA LEU A 178 -31.05 3.87 -14.22
C LEU A 178 -31.22 2.99 -13.00
N SER A 179 -30.43 1.92 -12.94
CA SER A 179 -30.38 1.04 -11.80
C SER A 179 -29.00 1.12 -11.18
N CYS A 180 -28.94 0.88 -9.88
CA CYS A 180 -27.68 0.86 -9.15
C CYS A 180 -27.68 -0.38 -8.27
N ALA A 181 -26.93 -1.40 -8.67
CA ALA A 181 -26.83 -2.62 -7.89
C ALA A 181 -25.68 -2.47 -6.90
N ALA A 182 -25.99 -2.60 -5.61
CA ALA A 182 -25.02 -2.37 -4.55
C ALA A 182 -24.60 -3.68 -3.94
N SER A 183 -23.32 -3.78 -3.60
CA SER A 183 -22.79 -4.94 -2.89
CA SER A 183 -22.79 -4.94 -2.89
C SER A 183 -21.99 -4.45 -1.69
N GLY A 184 -22.04 -5.24 -0.61
CA GLY A 184 -21.26 -4.98 0.57
C GLY A 184 -21.94 -4.16 1.63
N PHE A 185 -23.16 -3.67 1.39
CA PHE A 185 -23.88 -2.90 2.39
C PHE A 185 -25.36 -2.93 2.03
N PRO A 186 -26.26 -2.84 3.01
CA PRO A 186 -27.70 -2.74 2.71
C PRO A 186 -28.05 -1.33 2.25
N VAL A 187 -28.67 -1.21 1.08
CA VAL A 187 -29.04 0.12 0.58
C VAL A 187 -29.93 0.85 1.58
N TRP A 188 -30.72 0.09 2.37
CA TRP A 188 -31.58 0.69 3.37
C TRP A 188 -30.78 1.48 4.39
N GLN A 189 -29.58 1.02 4.73
CA GLN A 189 -28.84 1.60 5.82
C GLN A 189 -28.03 2.83 5.42
N GLY A 190 -28.00 3.19 4.13
CA GLY A 190 -27.19 4.31 3.67
C GLY A 190 -28.01 5.42 3.06
N GLU A 191 -27.47 6.64 3.14
CA GLU A 191 -27.92 7.69 2.26
C GLU A 191 -27.38 7.42 0.86
N MET A 192 -28.29 7.27 -0.10
CA MET A 192 -27.93 7.02 -1.49
C MET A 192 -28.27 8.23 -2.33
N ALA A 193 -27.48 8.45 -3.38
CA ALA A 193 -27.67 9.61 -4.23
C ALA A 193 -27.19 9.29 -5.63
N TRP A 194 -27.67 10.09 -6.58
CA TRP A 194 -27.21 10.10 -7.96
C TRP A 194 -26.62 11.46 -8.27
N TYR A 195 -25.49 11.46 -8.97
CA TYR A 195 -24.96 12.69 -9.53
C TYR A 195 -24.59 12.42 -10.98
N ARG A 196 -24.35 13.48 -11.73
CA ARG A 196 -23.97 13.36 -13.12
C ARG A 196 -22.79 14.28 -13.39
N GLN A 197 -22.04 13.93 -14.42
CA GLN A 197 -20.85 14.70 -14.77
C GLN A 197 -20.72 14.72 -16.28
N ALA A 198 -20.93 15.88 -16.88
CA ALA A 198 -20.57 16.06 -18.26
C ALA A 198 -19.07 16.32 -18.36
N PRO A 199 -18.41 15.83 -19.41
CA PRO A 199 -16.94 15.92 -19.45
C PRO A 199 -16.48 17.37 -19.37
N GLY A 200 -15.38 17.58 -18.63
CA GLY A 200 -14.83 18.90 -18.42
C GLY A 200 -15.64 19.75 -17.45
N LYS A 201 -16.92 19.42 -17.29
CA LYS A 201 -17.83 20.16 -16.42
C LYS A 201 -17.72 19.66 -14.98
N GLU A 202 -18.37 20.39 -14.07
CA GLU A 202 -18.37 20.07 -12.64
C GLU A 202 -19.46 19.06 -12.33
N ARG A 203 -19.17 18.10 -11.44
CA ARG A 203 -20.18 17.13 -11.08
C ARG A 203 -21.36 17.84 -10.43
N GLU A 204 -22.55 17.29 -10.64
CA GLU A 204 -23.79 17.94 -10.23
C GLU A 204 -24.68 16.91 -9.56
N TRP A 205 -25.00 17.13 -8.29
CA TRP A 205 -25.89 16.21 -7.60
C TRP A 205 -27.29 16.31 -8.20
N VAL A 206 -27.98 15.19 -8.28
CA VAL A 206 -29.24 15.07 -8.99
C VAL A 206 -30.37 14.67 -8.05
N ALA A 207 -30.15 13.65 -7.23
CA ALA A 207 -31.19 13.13 -6.37
C ALA A 207 -30.55 12.39 -5.20
N ALA A 208 -31.25 12.37 -4.07
CA ALA A 208 -30.79 11.63 -2.91
C ALA A 208 -31.99 11.11 -2.14
N ILE A 209 -31.77 10.04 -1.38
CA ILE A 209 -32.79 9.48 -0.51
C ILE A 209 -32.14 9.21 0.83
N SER A 210 -32.91 9.41 1.90
CA SER A 210 -32.37 9.40 3.24
CA SER A 210 -32.37 9.39 3.25
C SER A 210 -32.05 7.97 3.69
N SER A 211 -31.13 7.88 4.66
CA SER A 211 -30.79 6.61 5.27
C SER A 211 -31.94 6.11 6.14
N MET A 212 -32.27 4.82 5.98
CA MET A 212 -33.33 4.16 6.75
C MET A 212 -34.64 4.96 6.71
N GLY A 213 -34.92 5.61 5.59
CA GLY A 213 -36.10 6.44 5.51
C GLY A 213 -36.53 6.63 4.07
N TYR A 214 -37.46 7.58 3.87
CA TYR A 214 -38.08 7.80 2.57
C TYR A 214 -37.99 9.25 2.10
N LYS A 215 -37.42 10.16 2.90
CA LYS A 215 -37.29 11.53 2.44
C LYS A 215 -36.35 11.58 1.24
N THR A 216 -36.80 12.24 0.16
CA THR A 216 -36.01 12.40 -1.04
C THR A 216 -35.71 13.87 -1.28
N TYR A 217 -34.65 14.11 -2.05
CA TYR A 217 -34.15 15.44 -2.37
C TYR A 217 -33.80 15.46 -3.85
N TYR A 218 -34.01 16.60 -4.49
CA TYR A 218 -33.78 16.72 -5.92
C TYR A 218 -33.17 18.07 -6.22
N ALA A 219 -32.28 18.11 -7.21
CA ALA A 219 -31.85 19.38 -7.74
C ALA A 219 -33.04 20.09 -8.38
N ASP A 220 -33.09 21.42 -8.22
CA ASP A 220 -34.14 22.21 -8.88
C ASP A 220 -34.27 21.81 -10.34
N SER A 221 -33.13 21.65 -11.01
CA SER A 221 -33.06 21.34 -12.44
C SER A 221 -33.84 20.10 -12.86
N VAL A 222 -34.11 19.16 -11.95
CA VAL A 222 -34.74 17.90 -12.32
C VAL A 222 -36.04 17.65 -11.57
N LYS A 223 -36.46 18.58 -10.71
CA LYS A 223 -37.71 18.41 -10.00
C LYS A 223 -38.87 18.23 -10.98
N GLY A 224 -39.79 17.33 -10.64
CA GLY A 224 -40.88 16.95 -11.50
C GLY A 224 -40.56 15.90 -12.54
N ARG A 225 -39.29 15.77 -12.96
CA ARG A 225 -38.94 14.83 -14.01
C ARG A 225 -38.25 13.56 -13.50
N PHE A 226 -37.44 13.67 -12.45
CA PHE A 226 -36.64 12.55 -11.97
C PHE A 226 -37.19 12.03 -10.64
N THR A 227 -37.16 10.71 -10.47
CA THR A 227 -37.60 10.09 -9.23
C THR A 227 -36.57 9.07 -8.77
N ILE A 228 -36.11 9.19 -7.50
CA ILE A 228 -35.17 8.24 -6.91
C ILE A 228 -35.94 7.30 -6.00
N SER A 229 -35.60 6.01 -6.05
CA SER A 229 -36.30 5.03 -5.24
C SER A 229 -35.34 3.89 -4.90
N ARG A 230 -35.75 3.09 -3.92
CA ARG A 230 -34.91 2.04 -3.37
C ARG A 230 -35.70 0.75 -3.29
N ASP A 231 -35.11 -0.33 -3.77
CA ASP A 231 -35.64 -1.67 -3.59
C ASP A 231 -34.70 -2.40 -2.64
N ASN A 232 -35.13 -2.56 -1.38
CA ASN A 232 -34.32 -3.25 -0.38
C ASN A 232 -34.17 -4.73 -0.71
N ALA A 233 -35.22 -5.35 -1.25
CA ALA A 233 -35.13 -6.77 -1.58
C ALA A 233 -33.99 -7.02 -2.57
N LYS A 234 -33.88 -6.21 -3.61
CA LYS A 234 -32.86 -6.40 -4.63
C LYS A 234 -31.56 -5.62 -4.33
N ASN A 235 -31.45 -5.01 -3.17
CA ASN A 235 -30.34 -4.14 -2.79
C ASN A 235 -29.94 -3.20 -3.94
N THR A 236 -30.94 -2.45 -4.41
CA THR A 236 -30.80 -1.65 -5.63
C THR A 236 -31.52 -0.32 -5.43
N VAL A 237 -30.97 0.72 -6.06
CA VAL A 237 -31.58 2.06 -6.07
C VAL A 237 -31.76 2.46 -7.53
N TYR A 238 -32.82 3.20 -7.83
CA TYR A 238 -33.19 3.53 -9.20
C TYR A 238 -33.26 5.03 -9.38
N LEU A 239 -33.08 5.47 -10.62
CA LEU A 239 -33.33 6.85 -11.02
C LEU A 239 -34.25 6.82 -12.24
N GLN A 240 -35.53 7.07 -12.01
CA GLN A 240 -36.50 7.21 -13.09
C GLN A 240 -36.38 8.60 -13.70
N MET A 241 -36.05 8.68 -14.98
CA MET A 241 -35.86 9.97 -15.63
C MET A 241 -36.89 10.13 -16.74
N ASN A 242 -37.81 11.08 -16.57
CA ASN A 242 -38.82 11.41 -17.58
C ASN A 242 -38.51 12.77 -18.19
N SER A 243 -39.11 13.02 -19.35
CA SER A 243 -39.03 14.32 -20.04
C SER A 243 -37.59 14.78 -20.17
N LEU A 244 -36.75 13.87 -20.65
CA LEU A 244 -35.32 14.14 -20.75
C LEU A 244 -35.06 15.30 -21.70
N LYS A 245 -34.07 16.13 -21.35
CA LYS A 245 -33.56 17.28 -22.07
C LYS A 245 -32.15 16.99 -22.58
N PRO A 246 -31.76 17.58 -23.72
CA PRO A 246 -30.36 17.44 -24.15
C PRO A 246 -29.37 17.90 -23.10
N GLU A 247 -29.78 18.82 -22.22
CA GLU A 247 -28.95 19.30 -21.13
C GLU A 247 -28.72 18.25 -20.05
N ASP A 248 -29.49 17.17 -20.05
CA ASP A 248 -29.28 16.06 -19.13
C ASP A 248 -28.17 15.13 -19.56
N THR A 249 -27.56 15.37 -20.72
CA THR A 249 -26.48 14.50 -21.20
CA THR A 249 -26.49 14.49 -21.19
C THR A 249 -25.31 14.54 -20.23
N ALA A 250 -24.87 13.36 -19.77
CA ALA A 250 -23.76 13.22 -18.83
C ALA A 250 -23.60 11.74 -18.46
N VAL A 251 -22.49 11.44 -17.79
CA VAL A 251 -22.33 10.14 -17.12
C VAL A 251 -23.01 10.24 -15.76
N TYR A 252 -23.90 9.31 -15.47
CA TYR A 252 -24.63 9.33 -14.21
C TYR A 252 -24.04 8.29 -13.26
N TYR A 253 -23.86 8.68 -12.02
CA TYR A 253 -23.26 7.83 -11.01
C TYR A 253 -24.20 7.69 -9.82
N CYS A 254 -24.20 6.51 -9.23
CA CYS A 254 -24.87 6.25 -7.98
C CYS A 254 -23.80 6.20 -6.87
N ALA A 255 -24.20 6.58 -5.65
CA ALA A 255 -23.25 6.75 -4.55
C ALA A 255 -23.92 6.54 -3.20
N VAL A 256 -23.16 5.99 -2.26
CA VAL A 256 -23.57 5.80 -0.87
C VAL A 256 -22.65 6.63 0.02
N MET A 257 -23.21 7.20 1.09
CA MET A 257 -22.44 8.02 2.03
CA MET A 257 -22.43 8.03 2.02
C MET A 257 -21.82 7.14 3.09
N VAL A 258 -20.51 6.94 3.02
CA VAL A 258 -19.80 6.13 4.01
C VAL A 258 -18.65 6.94 4.63
N GLY A 259 -19.00 8.05 5.28
CA GLY A 259 -18.02 9.00 5.76
C GLY A 259 -17.64 9.91 4.60
N PHE A 260 -17.04 9.32 3.59
CA PHE A 260 -16.92 9.91 2.27
C PHE A 260 -17.98 9.29 1.37
N TRP A 261 -18.36 10.04 0.34
CA TRP A 261 -19.18 9.44 -0.70
C TRP A 261 -18.38 8.36 -1.42
N TYR A 262 -19.00 7.21 -1.63
CA TYR A 262 -18.41 6.16 -2.45
C TYR A 262 -19.38 5.85 -3.59
N ALA A 263 -18.90 6.01 -4.82
CA ALA A 263 -19.73 5.98 -6.01
C ALA A 263 -19.30 4.83 -6.91
N GLY A 264 -20.11 4.58 -7.95
CA GLY A 264 -19.88 3.42 -8.81
C GLY A 264 -19.00 3.72 -10.00
N GLN A 265 -19.36 3.16 -11.15
CA GLN A 265 -18.57 3.29 -12.36
C GLN A 265 -19.23 4.23 -13.37
N GLY A 266 -20.49 4.57 -13.19
CA GLY A 266 -21.09 5.49 -14.14
C GLY A 266 -21.81 4.79 -15.26
N THR A 267 -22.90 5.42 -15.74
CA THR A 267 -23.57 4.98 -16.95
C THR A 267 -23.88 6.20 -17.81
N GLN A 268 -23.63 6.06 -19.11
CA GLN A 268 -23.71 7.19 -20.01
C GLN A 268 -25.17 7.46 -20.41
N VAL A 269 -25.61 8.70 -20.23
CA VAL A 269 -26.91 9.19 -20.70
C VAL A 269 -26.65 10.26 -21.74
N THR A 270 -27.10 10.02 -22.97
CA THR A 270 -27.05 11.01 -24.04
C THR A 270 -28.46 11.29 -24.55
N VAL A 271 -28.84 12.57 -24.54
CA VAL A 271 -30.15 12.99 -25.02
C VAL A 271 -29.97 13.86 -26.26
N SER A 272 -30.63 13.48 -27.35
CA SER A 272 -30.55 14.21 -28.62
C SER A 272 -31.83 15.00 -28.85
N ALA A 273 -31.68 16.26 -29.27
CA ALA A 273 -32.82 17.12 -29.55
C ALA A 273 -33.71 16.66 -30.69
N ASN B 8 -15.07 21.15 12.02
CA ASN B 8 -15.38 19.87 12.64
C ASN B 8 -15.85 18.84 11.61
N LEU B 9 -15.34 18.96 10.39
CA LEU B 9 -15.58 17.94 9.39
C LEU B 9 -14.65 16.77 9.62
N CYS B 10 -15.15 15.56 9.38
CA CYS B 10 -14.30 14.37 9.46
C CYS B 10 -13.23 14.43 8.38
N PRO B 11 -11.98 14.29 8.73
CA PRO B 11 -10.88 14.43 7.76
C PRO B 11 -10.60 13.17 6.94
N PHE B 12 -11.66 12.56 6.41
CA PHE B 12 -11.47 11.40 5.53
C PHE B 12 -10.65 11.78 4.30
N GLY B 13 -10.90 12.98 3.76
CA GLY B 13 -10.11 13.44 2.63
C GLY B 13 -8.61 13.44 2.90
N GLU B 14 -8.22 13.84 4.12
CA GLU B 14 -6.80 13.85 4.47
C GLU B 14 -6.20 12.45 4.46
N VAL B 15 -7.00 11.43 4.80
CA VAL B 15 -6.48 10.07 4.88
C VAL B 15 -6.13 9.55 3.49
N PHE B 16 -7.07 9.68 2.54
CA PHE B 16 -6.88 9.09 1.22
C PHE B 16 -6.05 9.96 0.28
N ASN B 17 -6.07 11.29 0.46
CA ASN B 17 -5.33 12.20 -0.40
C ASN B 17 -4.00 12.64 0.19
N ALA B 18 -3.59 12.06 1.33
CA ALA B 18 -2.32 12.42 1.95
C ALA B 18 -1.17 12.30 0.96
N THR B 19 -0.26 13.29 1.03
CA THR B 19 0.87 13.31 0.11
C THR B 19 1.81 12.15 0.36
N ARG B 20 2.16 11.91 1.61
CA ARG B 20 3.03 10.81 2.00
C ARG B 20 2.29 9.81 2.87
N PHE B 21 2.63 8.53 2.71
CA PHE B 21 2.17 7.47 3.57
C PHE B 21 3.33 6.91 4.38
N ALA B 22 2.99 6.23 5.47
CA ALA B 22 3.97 5.63 6.35
C ALA B 22 4.50 4.33 5.76
N SER B 23 5.71 3.94 6.18
CA SER B 23 6.16 2.59 5.94
C SER B 23 5.32 1.62 6.75
N VAL B 24 5.18 0.39 6.25
CA VAL B 24 4.28 -0.55 6.92
C VAL B 24 4.80 -0.94 8.30
N TYR B 25 6.13 -1.01 8.49
CA TYR B 25 6.60 -1.38 9.83
C TYR B 25 6.28 -0.30 10.85
N ALA B 26 6.28 0.97 10.43
CA ALA B 26 5.89 2.08 11.29
C ALA B 26 4.53 2.64 10.88
N TRP B 27 3.56 1.75 10.70
CA TRP B 27 2.27 2.13 10.14
C TRP B 27 1.62 3.23 10.97
N ASN B 28 0.93 4.13 10.27
CA ASN B 28 0.31 5.28 10.89
C ASN B 28 -1.11 4.95 11.32
N ARG B 29 -1.53 5.51 12.46
CA ARG B 29 -2.91 5.41 12.92
C ARG B 29 -3.46 6.81 13.12
N LYS B 30 -4.57 7.12 12.46
CA LYS B 30 -5.25 8.39 12.69
C LYS B 30 -6.61 8.13 13.31
N ARG B 31 -6.93 8.89 14.35
CA ARG B 31 -8.22 8.77 15.03
CA ARG B 31 -8.21 8.78 15.03
C ARG B 31 -9.19 9.76 14.41
N ILE B 32 -10.34 9.27 13.98
CA ILE B 32 -11.41 10.11 13.43
C ILE B 32 -12.57 10.07 14.41
N SER B 33 -12.95 11.23 14.94
CA SER B 33 -13.83 11.26 16.10
C SER B 33 -14.52 12.60 16.20
N ASN B 34 -15.73 12.58 16.78
CA ASN B 34 -16.47 13.78 17.16
C ASN B 34 -16.50 14.80 16.01
N CYS B 35 -16.85 14.33 14.82
CA CYS B 35 -16.86 15.16 13.63
C CYS B 35 -18.03 14.74 12.76
N VAL B 36 -18.32 15.56 11.74
CA VAL B 36 -19.42 15.28 10.82
C VAL B 36 -18.84 14.87 9.47
N ALA B 37 -19.60 14.04 8.77
CA ALA B 37 -19.23 13.61 7.43
C ALA B 37 -19.06 14.81 6.51
N ASP B 38 -18.03 14.75 5.68
CA ASP B 38 -17.72 15.77 4.68
C ASP B 38 -18.42 15.40 3.39
N TYR B 39 -19.49 16.12 3.05
CA TYR B 39 -20.29 15.79 1.88
C TYR B 39 -19.64 16.22 0.58
N SER B 40 -18.48 16.86 0.64
CA SER B 40 -17.74 17.24 -0.56
C SER B 40 -16.68 16.23 -0.97
N VAL B 41 -16.45 15.17 -0.18
CA VAL B 41 -15.38 14.20 -0.47
C VAL B 41 -16.00 12.97 -1.12
N LEU B 42 -15.41 12.53 -2.24
CA LEU B 42 -15.99 11.42 -2.97
C LEU B 42 -14.91 10.56 -3.62
N TYR B 43 -15.05 9.24 -3.53
CA TYR B 43 -14.27 8.30 -4.31
C TYR B 43 -15.23 7.36 -5.03
N ASN B 44 -14.73 6.64 -6.02
CA ASN B 44 -15.60 5.75 -6.81
C ASN B 44 -14.85 4.46 -7.11
N SER B 45 -15.48 3.61 -7.92
CA SER B 45 -14.90 2.32 -8.29
C SER B 45 -13.50 2.45 -8.83
N ALA B 46 -13.24 3.50 -9.64
CA ALA B 46 -11.91 3.66 -10.21
C ALA B 46 -10.87 4.07 -9.17
N SER B 47 -11.31 4.55 -8.00
CA SER B 47 -10.39 5.07 -7.00
C SER B 47 -9.63 3.94 -6.30
N PHE B 48 -10.30 2.83 -6.00
CA PHE B 48 -9.74 1.77 -5.18
C PHE B 48 -9.69 0.47 -5.97
N SER B 49 -8.66 -0.32 -5.70
CA SER B 49 -8.60 -1.66 -6.23
C SER B 49 -9.21 -2.68 -5.29
N THR B 50 -9.30 -2.36 -4.00
CA THR B 50 -9.94 -3.22 -3.01
CA THR B 50 -9.97 -3.23 -3.04
C THR B 50 -10.73 -2.36 -2.04
N PHE B 51 -11.91 -2.85 -1.66
CA PHE B 51 -12.74 -2.22 -0.63
C PHE B 51 -13.59 -3.36 -0.07
N LYS B 52 -13.09 -3.98 1.00
CA LYS B 52 -13.73 -5.13 1.61
C LYS B 52 -14.01 -4.82 3.08
N CYS B 53 -15.20 -5.15 3.55
CA CYS B 53 -15.56 -5.01 4.96
C CYS B 53 -15.79 -6.38 5.58
N TYR B 54 -15.52 -6.47 6.87
CA TYR B 54 -15.62 -7.72 7.62
C TYR B 54 -16.53 -7.51 8.82
N GLY B 55 -17.70 -8.13 8.80
CA GLY B 55 -18.59 -8.05 9.95
C GLY B 55 -19.15 -6.67 10.26
N VAL B 56 -19.12 -5.76 9.30
CA VAL B 56 -19.63 -4.41 9.50
C VAL B 56 -19.99 -3.85 8.14
N SER B 57 -21.01 -3.00 8.13
CA SER B 57 -21.36 -2.29 6.92
C SER B 57 -20.61 -0.95 6.90
N PRO B 58 -20.03 -0.56 5.76
CA PRO B 58 -19.32 0.73 5.71
C PRO B 58 -20.21 1.94 5.97
N THR B 59 -21.54 1.79 5.92
CA THR B 59 -22.41 2.91 6.26
C THR B 59 -22.20 3.38 7.70
N LYS B 60 -21.61 2.53 8.57
CA LYS B 60 -21.30 2.98 9.92
C LYS B 60 -20.30 4.13 9.95
N LEU B 61 -19.55 4.34 8.86
CA LEU B 61 -18.64 5.48 8.78
C LEU B 61 -19.36 6.83 8.72
N ASN B 62 -20.67 6.85 8.41
CA ASN B 62 -21.36 8.12 8.17
C ASN B 62 -21.74 8.83 9.46
N ASP B 63 -21.91 8.10 10.57
CA ASP B 63 -22.42 8.67 11.80
C ASP B 63 -21.52 8.32 12.98
N LEU B 64 -20.81 9.31 13.49
CA LEU B 64 -19.83 9.12 14.57
C LEU B 64 -20.40 9.51 15.93
N CYS B 65 -21.73 9.56 16.06
CA CYS B 65 -22.36 9.91 17.32
C CYS B 65 -21.92 8.98 18.46
N PHE B 66 -21.85 7.67 18.19
CA PHE B 66 -21.42 6.67 19.15
C PHE B 66 -20.23 5.87 18.64
N THR B 67 -19.42 6.45 17.76
CA THR B 67 -18.36 5.71 17.08
C THR B 67 -17.13 6.58 16.93
N ASN B 68 -15.97 6.01 17.23
CA ASN B 68 -14.68 6.52 16.75
C ASN B 68 -14.18 5.60 15.64
N VAL B 69 -13.54 6.17 14.63
CA VAL B 69 -12.95 5.39 13.56
C VAL B 69 -11.44 5.54 13.65
N TYR B 70 -10.73 4.43 13.49
CA TYR B 70 -9.27 4.46 13.46
C TYR B 70 -8.84 4.06 12.06
N ALA B 71 -8.09 4.93 11.40
CA ALA B 71 -7.58 4.67 10.06
C ALA B 71 -6.09 4.37 10.15
N ASP B 72 -5.72 3.12 9.90
CA ASP B 72 -4.33 2.70 9.83
C ASP B 72 -3.91 2.70 8.37
N SER B 73 -2.77 3.35 8.07
CA SER B 73 -2.37 3.47 6.67
C SER B 73 -0.87 3.24 6.49
N PHE B 74 -0.53 2.76 5.30
CA PHE B 74 0.84 2.37 4.97
C PHE B 74 0.94 1.94 3.52
N VAL B 75 2.16 1.65 3.08
CA VAL B 75 2.46 1.24 1.72
C VAL B 75 3.08 -0.15 1.75
N ILE B 76 2.59 -1.03 0.89
CA ILE B 76 3.17 -2.34 0.69
C ILE B 76 3.15 -2.64 -0.81
N ARG B 77 3.61 -3.84 -1.15
CA ARG B 77 3.60 -4.28 -2.53
CA ARG B 77 3.61 -4.33 -2.51
C ARG B 77 2.22 -4.81 -2.91
N GLY B 78 1.90 -4.66 -4.20
CA GLY B 78 0.63 -5.17 -4.70
C GLY B 78 0.38 -6.63 -4.33
N ASP B 79 1.41 -7.47 -4.44
CA ASP B 79 1.16 -8.88 -4.15
C ASP B 79 1.09 -9.16 -2.66
N GLU B 80 1.20 -8.14 -1.83
CA GLU B 80 1.09 -8.34 -0.39
C GLU B 80 -0.21 -7.80 0.20
N VAL B 81 -1.04 -7.14 -0.63
CA VAL B 81 -2.32 -6.63 -0.14
C VAL B 81 -3.19 -7.76 0.39
N ARG B 82 -3.10 -8.94 -0.24
CA ARG B 82 -3.85 -10.10 0.25
CA ARG B 82 -3.84 -10.10 0.25
C ARG B 82 -3.52 -10.45 1.69
N GLN B 83 -2.36 -10.02 2.20
CA GLN B 83 -2.02 -10.32 3.59
C GLN B 83 -2.71 -9.41 4.59
N ILE B 84 -3.29 -8.29 4.12
CA ILE B 84 -4.05 -7.41 5.01
C ILE B 84 -5.49 -7.91 5.07
N ALA B 85 -5.66 -9.08 5.66
CA ALA B 85 -6.94 -9.73 5.84
C ALA B 85 -6.82 -10.60 7.09
N PRO B 86 -7.95 -10.99 7.68
CA PRO B 86 -7.88 -11.91 8.83
C PRO B 86 -7.26 -13.23 8.42
N GLY B 87 -6.48 -13.81 9.34
CA GLY B 87 -5.95 -15.15 9.16
C GLY B 87 -4.92 -15.32 8.06
N GLN B 88 -4.13 -14.30 7.77
CA GLN B 88 -3.10 -14.41 6.76
C GLN B 88 -1.72 -14.56 7.40
N THR B 89 -0.78 -15.09 6.61
CA THR B 89 0.62 -15.18 7.00
C THR B 89 1.47 -14.57 5.89
N GLY B 90 2.77 -14.49 6.15
CA GLY B 90 3.72 -13.82 5.28
C GLY B 90 4.43 -12.70 6.01
N LYS B 91 5.42 -12.13 5.31
CA LYS B 91 6.29 -11.14 5.95
C LYS B 91 5.50 -9.96 6.50
N ILE B 92 4.48 -9.51 5.78
CA ILE B 92 3.76 -8.31 6.24
C ILE B 92 2.86 -8.66 7.43
N ALA B 93 2.06 -9.71 7.29
CA ALA B 93 1.18 -10.07 8.40
C ALA B 93 1.98 -10.57 9.61
N ASP B 94 3.07 -11.31 9.36
CA ASP B 94 3.84 -11.87 10.49
C ASP B 94 4.61 -10.79 11.24
N TYR B 95 5.25 -9.86 10.53
CA TYR B 95 6.25 -8.98 11.13
C TYR B 95 5.95 -7.50 11.07
N ASN B 96 4.87 -7.09 10.41
CA ASN B 96 4.70 -5.66 10.11
C ASN B 96 3.32 -5.12 10.51
N TYR B 97 2.25 -5.75 10.04
CA TYR B 97 0.91 -5.27 10.36
C TYR B 97 -0.02 -6.47 10.35
N LYS B 98 -0.63 -6.75 11.49
CA LYS B 98 -1.37 -7.98 11.72
C LYS B 98 -2.79 -7.64 12.09
N LEU B 99 -3.76 -8.15 11.33
CA LEU B 99 -5.19 -8.05 11.67
C LEU B 99 -5.62 -9.25 12.52
N PRO B 100 -6.48 -9.05 13.51
CA PRO B 100 -6.96 -10.19 14.31
C PRO B 100 -7.81 -11.13 13.49
N ASP B 101 -7.91 -12.37 13.98
CA ASP B 101 -8.75 -13.37 13.34
C ASP B 101 -10.21 -12.94 13.33
N ASP B 102 -10.66 -12.23 14.36
CA ASP B 102 -12.04 -11.78 14.51
C ASP B 102 -12.23 -10.34 14.05
N PHE B 103 -11.41 -9.89 13.08
CA PHE B 103 -11.38 -8.50 12.67
C PHE B 103 -12.74 -8.03 12.19
N THR B 104 -13.16 -6.88 12.69
CA THR B 104 -14.33 -6.16 12.24
C THR B 104 -13.87 -4.80 11.75
N GLY B 105 -14.12 -4.51 10.48
CA GLY B 105 -13.72 -3.26 9.89
C GLY B 105 -13.57 -3.43 8.39
N CYS B 106 -13.00 -2.41 7.75
CA CYS B 106 -12.82 -2.42 6.30
C CYS B 106 -11.34 -2.31 5.95
N VAL B 107 -11.02 -2.84 4.78
CA VAL B 107 -9.69 -2.71 4.20
C VAL B 107 -9.86 -2.09 2.82
N ILE B 108 -9.20 -0.96 2.60
CA ILE B 108 -9.18 -0.27 1.31
C ILE B 108 -7.75 -0.22 0.82
N ALA B 109 -7.53 -0.49 -0.47
CA ALA B 109 -6.20 -0.37 -1.04
C ALA B 109 -6.31 0.15 -2.47
N TRP B 110 -5.24 0.80 -2.94
CA TRP B 110 -5.22 1.28 -4.31
C TRP B 110 -3.79 1.34 -4.82
N ASN B 111 -3.64 1.15 -6.13
CA ASN B 111 -2.32 1.20 -6.77
C ASN B 111 -1.78 2.62 -6.67
N SER B 112 -0.58 2.75 -6.11
CA SER B 112 0.05 4.05 -5.94
C SER B 112 1.34 4.17 -6.74
N ASN B 113 1.46 3.40 -7.83
CA ASN B 113 2.67 3.43 -8.64
C ASN B 113 3.00 4.84 -9.10
N ASN B 114 1.98 5.65 -9.37
CA ASN B 114 2.19 6.99 -9.89
C ASN B 114 2.66 7.98 -8.82
N LEU B 115 2.52 7.63 -7.53
CA LEU B 115 3.03 8.48 -6.47
C LEU B 115 4.26 7.93 -5.76
N ASP B 116 4.41 6.61 -5.71
CA ASP B 116 5.38 6.00 -4.81
C ASP B 116 6.50 5.30 -5.54
N SER B 117 6.52 5.37 -6.85
CA SER B 117 7.64 4.90 -7.67
CA SER B 117 7.64 4.90 -7.67
C SER B 117 8.29 6.10 -8.33
N LYS B 118 9.54 5.91 -8.77
CA LYS B 118 10.20 6.94 -9.56
C LYS B 118 11.31 6.27 -10.37
N VAL B 119 11.69 6.93 -11.45
CA VAL B 119 12.78 6.41 -12.28
C VAL B 119 14.03 6.28 -11.42
N GLY B 120 14.70 5.15 -11.54
CA GLY B 120 15.83 4.81 -10.70
C GLY B 120 15.45 4.13 -9.41
N GLY B 121 14.17 4.15 -9.06
CA GLY B 121 13.65 3.41 -7.92
C GLY B 121 13.36 4.36 -6.78
N ASN B 122 12.26 4.12 -6.08
CA ASN B 122 12.00 4.75 -4.79
C ASN B 122 12.29 3.74 -3.69
N TYR B 123 13.17 4.11 -2.76
CA TYR B 123 13.59 3.24 -1.66
C TYR B 123 13.15 3.77 -0.30
N ASN B 124 12.34 4.82 -0.27
CA ASN B 124 11.94 5.44 0.98
C ASN B 124 11.06 4.55 1.86
N TYR B 125 10.38 3.54 1.29
CA TYR B 125 9.51 2.70 2.08
C TYR B 125 10.24 1.44 2.54
N LEU B 126 10.00 1.06 3.79
CA LEU B 126 10.67 -0.05 4.42
C LEU B 126 9.64 -1.05 4.96
N TYR B 127 10.09 -2.28 5.13
CA TYR B 127 9.31 -3.28 5.84
C TYR B 127 10.27 -4.07 6.71
N ARG B 128 9.73 -4.65 7.79
CA ARG B 128 10.56 -5.46 8.66
C ARG B 128 10.69 -6.86 8.07
N LEU B 129 11.94 -7.32 7.95
CA LEU B 129 12.28 -8.59 7.33
C LEU B 129 12.49 -9.71 8.33
N PHE B 130 13.00 -9.41 9.54
CA PHE B 130 13.30 -10.42 10.55
C PHE B 130 12.62 -10.05 11.87
N ARG B 131 12.11 -11.07 12.57
CA ARG B 131 11.62 -10.85 13.93
C ARG B 131 11.64 -12.17 14.68
N LYS B 132 11.87 -12.08 16.01
CA LYS B 132 11.95 -13.28 16.84
C LYS B 132 10.60 -13.98 16.96
N SER B 133 9.50 -13.22 16.87
CA SER B 133 8.17 -13.80 16.99
C SER B 133 7.20 -12.97 16.15
N ASN B 134 6.04 -13.56 15.87
CA ASN B 134 5.01 -12.87 15.10
C ASN B 134 4.35 -11.78 15.93
N LEU B 135 4.00 -10.68 15.26
CA LEU B 135 3.21 -9.63 15.90
C LEU B 135 1.86 -10.16 16.36
N LYS B 136 1.36 -9.60 17.45
CA LYS B 136 -0.04 -9.78 17.77
C LYS B 136 -0.88 -8.77 17.01
N PRO B 137 -2.17 -9.04 16.84
CA PRO B 137 -3.04 -8.10 16.12
C PRO B 137 -2.86 -6.67 16.59
N PHE B 138 -2.70 -5.76 15.61
CA PHE B 138 -2.54 -4.33 15.81
C PHE B 138 -1.27 -3.95 16.57
N GLU B 139 -0.30 -4.85 16.67
CA GLU B 139 0.98 -4.50 17.28
C GLU B 139 1.83 -3.70 16.29
N ARG B 140 2.60 -2.78 16.82
CA ARG B 140 3.49 -1.94 16.04
C ARG B 140 4.91 -2.05 16.61
N ASP B 141 5.86 -2.46 15.78
CA ASP B 141 7.26 -2.68 16.19
C ASP B 141 8.15 -1.79 15.33
N ILE B 142 8.67 -0.71 15.90
CA ILE B 142 9.58 0.17 15.19
C ILE B 142 11.02 0.06 15.71
N SER B 143 11.36 -1.06 16.34
CA SER B 143 12.72 -1.22 16.84
C SER B 143 13.68 -1.55 15.70
N THR B 144 14.96 -1.29 15.94
CA THR B 144 16.01 -1.54 14.97
C THR B 144 17.15 -2.34 15.59
N GLU B 145 16.87 -3.11 16.62
CA GLU B 145 17.88 -3.98 17.20
C GLU B 145 18.37 -4.99 16.19
N ILE B 146 19.68 -5.27 16.22
CA ILE B 146 20.28 -6.21 15.30
C ILE B 146 19.69 -7.58 15.52
N TYR B 147 19.40 -8.29 14.42
CA TYR B 147 18.74 -9.59 14.49
C TYR B 147 19.79 -10.70 14.44
N GLN B 148 19.69 -11.63 15.37
CA GLN B 148 20.63 -12.73 15.50
C GLN B 148 20.06 -13.95 14.78
N ALA B 149 20.58 -14.23 13.58
CA ALA B 149 20.03 -15.33 12.80
C ALA B 149 20.76 -16.65 13.03
N GLY B 150 22.00 -16.61 13.52
CA GLY B 150 22.77 -17.79 13.80
C GLY B 150 22.96 -18.02 15.29
N SER B 151 23.91 -18.90 15.62
CA SER B 151 24.17 -19.20 17.01
C SER B 151 25.11 -18.19 17.64
N THR B 152 25.98 -17.58 16.84
CA THR B 152 26.84 -16.52 17.34
C THR B 152 26.00 -15.35 17.85
N PRO B 153 26.27 -14.84 19.04
CA PRO B 153 25.67 -13.55 19.44
C PRO B 153 26.19 -12.41 18.56
N CYS B 154 25.60 -11.23 18.74
CA CYS B 154 25.90 -10.08 17.91
C CYS B 154 26.44 -8.97 18.79
N ASN B 155 27.75 -8.69 18.65
CA ASN B 155 28.49 -7.77 19.49
C ASN B 155 29.53 -7.05 18.65
N GLY B 156 29.53 -5.72 18.69
CA GLY B 156 30.45 -4.97 17.84
C GLY B 156 30.15 -5.21 16.38
N VAL B 157 31.18 -5.57 15.62
CA VAL B 157 31.02 -5.97 14.23
C VAL B 157 31.12 -7.49 14.07
N GLU B 158 31.16 -8.23 15.18
CA GLU B 158 31.12 -9.68 15.08
C GLU B 158 29.84 -10.13 14.40
N GLY B 159 29.95 -11.21 13.63
CA GLY B 159 28.81 -11.97 13.23
C GLY B 159 28.26 -11.67 11.85
N PHE B 160 28.67 -12.47 10.86
CA PHE B 160 28.05 -12.38 9.54
C PHE B 160 26.53 -12.54 9.63
N ASN B 161 26.07 -13.48 10.46
CA ASN B 161 24.65 -13.85 10.55
C ASN B 161 23.89 -12.96 11.52
N CYS B 162 24.30 -11.70 11.60
CA CYS B 162 23.65 -10.65 12.36
C CYS B 162 23.12 -9.62 11.37
N TYR B 163 21.84 -9.22 11.53
CA TYR B 163 21.16 -8.52 10.45
C TYR B 163 20.41 -7.30 10.97
N PHE B 164 20.66 -6.17 10.35
CA PHE B 164 19.75 -5.05 10.49
C PHE B 164 18.37 -5.50 10.01
N PRO B 165 17.32 -5.32 10.82
CA PRO B 165 16.06 -6.03 10.56
C PRO B 165 15.10 -5.34 9.58
N LEU B 166 15.35 -4.11 9.14
CA LEU B 166 14.44 -3.44 8.22
C LEU B 166 15.01 -3.50 6.81
N GLN B 167 14.11 -3.53 5.81
CA GLN B 167 14.44 -3.75 4.42
C GLN B 167 13.73 -2.73 3.54
N SER B 168 14.47 -2.14 2.60
CA SER B 168 13.90 -1.18 1.66
C SER B 168 13.12 -1.88 0.56
N TYR B 169 11.89 -1.45 0.34
CA TYR B 169 11.27 -1.72 -0.95
C TYR B 169 12.05 -0.98 -2.02
N GLY B 170 11.96 -1.48 -3.25
CA GLY B 170 12.48 -0.72 -4.37
C GLY B 170 11.43 -0.60 -5.46
N PHE B 171 10.64 0.48 -5.43
CA PHE B 171 9.53 0.63 -6.36
C PHE B 171 10.03 1.33 -7.62
N GLN B 172 10.05 0.61 -8.73
CA GLN B 172 10.40 1.18 -10.02
C GLN B 172 9.17 1.22 -10.91
N PRO B 173 8.97 2.30 -11.68
CA PRO B 173 7.67 2.49 -12.34
C PRO B 173 7.29 1.41 -13.34
N THR B 174 8.27 0.74 -13.95
CA THR B 174 7.98 -0.29 -14.95
C THR B 174 7.89 -1.70 -14.37
N ASN B 175 8.00 -1.85 -13.05
CA ASN B 175 7.73 -3.15 -12.42
C ASN B 175 6.34 -3.65 -12.80
N GLY B 176 6.17 -4.98 -12.77
CA GLY B 176 4.84 -5.55 -12.90
C GLY B 176 3.94 -5.18 -11.74
N VAL B 177 2.63 -5.25 -11.99
CA VAL B 177 1.66 -4.67 -11.06
C VAL B 177 1.76 -5.32 -9.68
N GLY B 178 2.10 -6.60 -9.61
CA GLY B 178 2.26 -7.25 -8.32
C GLY B 178 3.41 -6.71 -7.48
N TYR B 179 4.40 -6.09 -8.12
CA TYR B 179 5.54 -5.49 -7.42
C TYR B 179 5.43 -3.98 -7.35
N GLN B 180 4.29 -3.39 -7.77
CA GLN B 180 4.11 -1.96 -7.64
C GLN B 180 3.60 -1.63 -6.24
N PRO B 181 3.85 -0.40 -5.77
CA PRO B 181 3.39 -0.02 -4.44
C PRO B 181 1.88 0.20 -4.41
N TYR B 182 1.26 -0.22 -3.30
CA TYR B 182 -0.15 0.01 -3.05
C TYR B 182 -0.27 0.73 -1.72
N ARG B 183 -1.10 1.76 -1.68
CA ARG B 183 -1.46 2.38 -0.43
C ARG B 183 -2.64 1.63 0.19
N VAL B 184 -2.58 1.43 1.50
CA VAL B 184 -3.57 0.62 2.20
C VAL B 184 -4.12 1.46 3.36
N VAL B 185 -5.43 1.40 3.57
CA VAL B 185 -6.12 2.04 4.69
C VAL B 185 -6.99 0.98 5.36
N VAL B 186 -6.75 0.76 6.65
CA VAL B 186 -7.55 -0.16 7.44
C VAL B 186 -8.39 0.67 8.39
N LEU B 187 -9.70 0.43 8.38
CA LEU B 187 -10.67 1.19 9.15
C LEU B 187 -11.25 0.30 10.23
N SER B 188 -11.07 0.69 11.48
CA SER B 188 -11.64 -0.05 12.59
C SER B 188 -12.55 0.87 13.39
N PHE B 189 -13.46 0.27 14.14
CA PHE B 189 -14.60 0.98 14.71
C PHE B 189 -14.60 0.79 16.22
N GLU B 190 -14.69 1.90 16.95
CA GLU B 190 -14.76 1.89 18.40
C GLU B 190 -16.18 2.30 18.80
N LEU B 191 -16.94 1.37 19.41
CA LEU B 191 -18.25 1.69 19.96
C LEU B 191 -18.10 2.56 21.21
N LEU B 192 -18.71 3.74 21.21
CA LEU B 192 -18.66 4.60 22.38
C LEU B 192 -19.86 4.35 23.27
N HIS B 193 -19.76 4.79 24.53
CA HIS B 193 -20.88 4.63 25.45
C HIS B 193 -21.63 5.92 25.72
N ALA B 194 -20.95 7.07 25.69
CA ALA B 194 -21.64 8.35 25.75
C ALA B 194 -21.67 9.00 24.38
N PRO B 195 -22.70 9.80 24.08
CA PRO B 195 -22.77 10.43 22.75
C PRO B 195 -21.69 11.49 22.59
N ALA B 196 -21.12 11.55 21.39
CA ALA B 196 -20.14 12.59 21.08
C ALA B 196 -20.81 13.96 21.06
N THR B 197 -20.01 15.00 21.31
CA THR B 197 -20.55 16.36 21.35
C THR B 197 -21.12 16.77 19.99
N VAL B 198 -20.58 16.22 18.90
CA VAL B 198 -21.10 16.48 17.55
C VAL B 198 -22.56 16.06 17.43
N CYS B 199 -23.01 15.17 18.30
CA CYS B 199 -24.32 14.55 18.18
C CYS B 199 -25.41 15.50 18.65
N GLY B 200 -26.45 15.66 17.82
CA GLY B 200 -27.54 16.58 18.10
C GLY B 200 -28.57 16.66 16.99
N GLY B 206 -23.69 19.08 7.41
CA GLY B 206 -23.71 17.62 7.48
C GLY B 206 -25.09 17.01 7.31
N THR B 207 -25.79 17.45 6.26
CA THR B 207 -27.13 16.96 5.94
C THR B 207 -27.26 16.93 4.43
N LEU B 208 -28.04 15.98 3.91
CA LEU B 208 -28.29 15.90 2.47
C LEU B 208 -28.80 17.21 1.88
N GLU B 209 -29.44 18.05 2.69
CA GLU B 209 -29.88 19.36 2.22
C GLU B 209 -28.72 20.23 1.75
N VAL B 210 -27.49 19.95 2.19
CA VAL B 210 -26.36 20.79 1.80
C VAL B 210 -26.14 20.75 0.29
N LEU B 211 -26.49 19.64 -0.35
CA LEU B 211 -26.32 19.52 -1.79
C LEU B 211 -27.56 19.93 -2.56
N PHE B 212 -28.70 20.12 -1.87
CA PHE B 212 -29.98 20.39 -2.51
C PHE B 212 -30.67 21.53 -1.79
N GLN B 213 -30.80 22.67 -2.45
CA GLN B 213 -31.54 23.81 -1.91
C GLN B 213 -32.54 24.38 -2.94
C1 NAG C . -7.95 13.40 -4.14
C2 NAG C . -7.57 14.32 -5.28
C3 NAG C . -8.60 14.22 -6.42
C4 NAG C . -8.77 12.76 -6.84
C5 NAG C . -9.10 11.91 -5.62
C6 NAG C . -9.23 10.43 -5.92
C7 NAG C . -6.26 16.33 -4.73
C8 NAG C . -6.31 17.75 -4.22
N2 NAG C . -7.43 15.70 -4.82
O3 NAG C . -8.15 14.99 -7.53
O4 NAG C . -9.81 12.65 -7.81
O5 NAG C . -8.08 12.05 -4.62
O6 NAG C . -8.09 9.94 -6.63
O7 NAG C . -5.20 15.78 -5.03
C1 NAG C . -9.47 11.88 -9.00
C2 NAG C . -10.78 11.55 -9.75
C3 NAG C . -10.50 10.78 -11.03
C4 NAG C . -9.43 11.46 -11.88
C5 NAG C . -8.19 11.78 -11.04
C6 NAG C . -7.16 12.56 -11.80
C7 NAG C . -12.69 11.35 -8.20
C8 NAG C . -13.52 10.40 -7.39
N2 NAG C . -11.69 10.80 -8.89
O3 NAG C . -11.71 10.66 -11.77
O4 NAG C . -9.03 10.57 -12.91
O5 NAG C . -8.57 12.56 -9.89
O6 NAG C . -6.01 12.87 -11.01
O7 NAG C . -12.91 12.55 -8.23
C1 BMA C . -9.58 10.91 -14.19
C2 BMA C . -8.65 10.27 -15.22
C3 BMA C . -9.17 10.49 -16.65
C4 BMA C . -10.71 10.37 -16.82
C5 BMA C . -11.54 10.85 -15.58
C6 BMA C . -12.97 10.28 -15.59
O2 BMA C . -8.59 8.86 -15.02
O3 BMA C . -8.53 9.57 -17.55
O4 BMA C . -11.11 11.12 -17.96
O5 BMA C . -10.90 10.42 -14.35
O6 BMA C . -13.89 11.26 -15.07
C1 MAN C . -7.38 10.17 -18.21
C2 MAN C . -7.90 10.99 -19.41
C3 MAN C . -8.53 10.03 -20.42
C4 MAN C . -7.52 8.94 -20.84
C5 MAN C . -6.99 8.20 -19.60
C6 MAN C . -5.90 7.21 -19.92
O2 MAN C . -6.82 11.62 -20.10
O3 MAN C . -9.05 10.71 -21.56
O4 MAN C . -8.14 8.01 -21.72
O5 MAN C . -6.47 9.16 -18.64
O6 MAN C . -5.72 6.37 -18.79
C1 FUC C . -8.78 16.32 -7.56
C2 FUC C . -7.90 17.20 -8.50
C3 FUC C . -8.00 16.68 -9.93
C4 FUC C . -9.48 16.74 -10.40
C5 FUC C . -10.37 15.92 -9.42
C6 FUC C . -11.86 16.14 -9.65
O2 FUC C . -6.54 17.31 -8.07
O3 FUC C . -7.19 17.47 -10.82
O4 FUC C . -9.94 18.09 -10.47
O5 FUC C . -10.13 16.26 -8.02
C1 FUC C . -8.33 8.57 -7.08
C2 FUC C . -7.21 8.15 -8.07
C3 FUC C . -5.84 7.90 -7.33
C4 FUC C . -6.05 7.05 -6.09
C5 FUC C . -7.17 7.60 -5.21
C6 FUC C . -7.50 6.70 -4.06
O2 FUC C . -7.05 9.07 -9.15
O3 FUC C . -4.95 7.19 -8.19
O4 FUC C . -6.42 5.74 -6.52
O5 FUC C . -8.38 7.69 -5.98
C1 GOL D . -14.80 -2.10 -5.28
O1 GOL D . -15.82 -1.12 -5.24
C2 GOL D . -13.64 -1.54 -6.09
O2 GOL D . -12.44 -2.21 -5.78
C3 GOL D . -14.08 -1.75 -7.56
O3 GOL D . -13.04 -1.23 -8.37
C ACT E . -36.25 25.68 -4.50
O ACT E . -35.67 26.61 -5.12
OXT ACT E . -35.75 24.59 -4.06
CH3 ACT E . -37.79 25.91 -4.24
C ACT F . -34.80 21.67 -24.04
O ACT F . -35.04 22.76 -23.45
OXT ACT F . -33.71 21.24 -24.49
CH3 ACT F . -36.05 20.75 -24.25
C ACT G . -38.37 -3.33 -0.54
O ACT G . -38.69 -3.91 -1.62
OXT ACT G . -38.03 -3.85 0.57
CH3 ACT G . -38.42 -1.76 -0.59
OH2 1PE H . -14.31 16.05 -5.41
C12 1PE H . -13.80 14.76 -5.57
C22 1PE H . -13.41 14.22 -4.19
OH3 1PE H . -12.03 13.99 -4.12
C13 1PE H . -10.86 15.69 -2.90
C23 1PE H . -11.49 14.30 -2.87
OH4 1PE H . -11.34 16.44 -1.82
C14 1PE H . -12.63 18.40 -1.36
C24 1PE H . -12.59 17.02 -2.03
OH5 1PE H . -12.92 18.26 0.01
C15 1PE H . -10.87 17.55 1.10
C25 1PE H . -11.90 18.67 0.87
OH6 1PE H . -9.70 18.09 1.64
C16 1PE H . -7.82 16.96 0.63
C26 1PE H . -8.67 17.16 1.88
OH7 1PE H . -6.47 16.94 0.98
C ACT I . 23.87 5.36 -7.16
O ACT I . 23.55 5.13 -5.97
OXT ACT I . 24.71 6.20 -7.59
CH3 ACT I . 23.12 4.51 -8.28
C ACT J . 23.07 8.18 -4.05
O ACT J . 22.47 7.29 -4.70
OXT ACT J . 24.28 8.18 -3.64
CH3 ACT J . 22.20 9.47 -3.70
C1 GOL K . 24.41 9.33 0.76
O1 GOL K . 25.22 8.92 -0.35
C2 GOL K . 23.37 8.20 1.16
O2 GOL K . 23.23 8.10 2.55
C3 GOL K . 22.02 8.55 0.51
O3 GOL K . 21.86 7.72 -0.59
C1 BU2 L . -25.10 -7.28 -0.92
O1 BU2 L . -25.01 -8.21 -1.97
C2 BU2 L . -24.32 -7.78 0.30
C3 BU2 L . -24.77 -6.98 1.55
O3 BU2 L . -26.17 -6.96 1.63
C4 BU2 L . -24.16 -7.61 2.82
C1 BU2 M . -31.45 -4.17 2.50
O1 BU2 M . -31.44 -2.83 2.08
C2 BU2 M . -30.85 -5.07 1.42
C3 BU2 M . -30.67 -6.53 1.88
O3 BU2 M . -29.62 -6.61 2.81
C4 BU2 M . -31.97 -7.04 2.50
C1 BU2 N . 18.01 7.61 4.95
O1 BU2 N . 18.95 7.84 3.95
C2 BU2 N . 18.34 6.33 5.72
C3 BU2 N . 19.00 6.69 7.05
O3 BU2 N . 18.98 5.60 7.95
C4 BU2 N . 20.44 7.14 6.79
C ACT O . -39.97 14.60 -8.07
O ACT O . -40.07 15.40 -7.09
OXT ACT O . -39.37 14.79 -9.17
CH3 ACT O . -40.67 13.21 -7.88
C ACT P . 15.59 3.86 10.15
O ACT P . 15.48 4.05 8.91
OXT ACT P . 16.52 3.26 10.77
CH3 ACT P . 14.44 4.45 11.01
CD CD Q . -33.91 25.33 -4.95
CD CD R . 48.02 -21.20 7.60
CD CD S . -32.49 0.70 11.83
CD CD T . 19.30 -12.71 -1.72
CD CD U . -32.82 22.87 -23.33
CD CD V . 24.50 7.09 -5.58
CD CD W . 32.44 -14.87 17.53
CD CD X . 36.49 -20.29 7.87
CD CD Y . 38.08 -5.71 10.70
CD CD Z . 20.03 -10.69 -4.18
CD CD AA . 18.06 -11.26 -4.88
CD CD BA . 16.88 -10.67 -6.68
C ACT CA . 4.24 9.46 7.75
O ACT CA . 3.18 9.95 7.23
OXT ACT CA . 4.37 8.80 8.82
CH3 ACT CA . 5.55 9.73 6.94
OH2 1PE DA . -24.78 -2.46 15.12
C12 1PE DA . -24.26 -3.73 14.85
C22 1PE DA . -23.69 -3.76 13.44
OH3 1PE DA . -22.86 -4.88 13.25
C13 1PE DA . -20.65 -4.06 13.67
C23 1PE DA . -21.78 -4.98 14.13
OH4 1PE DA . -20.13 -3.41 14.80
C14 1PE DA . -18.80 -1.70 15.79
C24 1PE DA . -19.13 -2.48 14.51
OH5 1PE DA . -19.04 -0.35 15.55
C15 1PE DA . -20.64 1.40 15.89
C25 1PE DA . -19.86 0.25 16.51
OH6 1PE DA . -21.99 1.28 16.26
C16 1PE DA . -24.28 2.03 16.07
C26 1PE DA . -22.80 2.40 16.00
OH7 1PE DA . -24.46 0.65 15.84
C ACT EA . -8.32 -0.87 17.52
O ACT EA . -8.67 0.26 17.94
OXT ACT EA . -7.19 -1.45 17.60
CH3 ACT EA . -9.45 -1.68 16.80
C ACT FA . -31.77 27.28 -5.50
O ACT FA . -32.69 28.08 -5.84
OXT ACT FA . -31.89 26.11 -5.05
CH3 ACT FA . -30.31 27.82 -5.67
C ACT GA . 9.16 6.02 12.49
O ACT GA . 8.11 6.45 13.06
OXT ACT GA . 10.12 5.36 13.00
CH3 ACT GA . 9.28 6.37 10.96
C1 GOL HA . -4.96 -5.48 -6.00
O1 GOL HA . -5.93 -5.97 -5.12
C2 GOL HA . -3.80 -6.52 -6.03
O2 GOL HA . -4.28 -7.81 -6.20
C3 GOL HA . -2.88 -6.07 -7.21
O3 GOL HA . -2.04 -7.15 -7.53
C1 GOL IA . -8.01 -7.40 1.91
O1 GOL IA . -8.93 -7.52 2.97
C2 GOL IA . -8.40 -8.36 0.76
O2 GOL IA . -7.55 -8.23 -0.33
C3 GOL IA . -8.33 -9.77 1.35
O3 GOL IA . -9.61 -10.21 1.71
C ACT JA . -8.34 -12.30 18.50
O ACT JA . -8.62 -11.19 19.09
OXT ACT JA . -9.11 -13.04 17.82
CH3 ACT JA . -6.85 -12.84 18.62
C ACT KA . 8.83 -3.87 19.99
O ACT KA . 9.26 -2.83 20.56
OXT ACT KA . 9.48 -4.89 19.62
CH3 ACT KA . 7.27 -3.88 19.70
C1 BU2 LA . 4.06 -2.89 -17.06
O1 BU2 LA . 4.16 -1.88 -16.09
C2 BU2 LA . 4.61 -4.22 -16.53
C3 BU2 LA . 5.50 -4.89 -17.60
O3 BU2 LA . 6.51 -5.66 -16.98
C4 BU2 LA . 4.63 -5.77 -18.49
C1 BU2 MA . 20.21 -17.18 6.96
O1 BU2 MA . 21.28 -17.88 7.52
C2 BU2 MA . 19.89 -15.97 7.84
C3 BU2 MA . 18.65 -15.23 7.35
O3 BU2 MA . 18.80 -14.94 5.99
C4 BU2 MA . 17.39 -16.07 7.58
C1 GOL NA . 27.73 -14.93 12.33
O1 GOL NA . 27.07 -14.78 13.53
C2 GOL NA . 28.21 -16.33 12.12
O2 GOL NA . 27.66 -17.20 13.06
C3 GOL NA . 29.76 -16.18 12.16
O3 GOL NA . 30.12 -15.27 11.11
C ACT OA . -1.09 2.83 17.68
O ACT OA . -1.98 3.65 18.09
OXT ACT OA . -0.88 1.64 18.07
CH3 ACT OA . -0.16 3.37 16.52
CD CD PA . -10.38 -9.80 18.75
CD CD QA . -4.93 -16.60 13.53
CD CD RA . -6.64 17.23 9.81
CD CD SA . 12.80 -5.28 18.79
CD CD TA . 27.80 -6.72 15.01
#